data_8K00
#
_entry.id   8K00
#
_cell.length_a   38.900
_cell.length_b   53.705
_cell.length_c   55.329
_cell.angle_alpha   90.00
_cell.angle_beta   90.00
_cell.angle_gamma   90.00
#
_symmetry.space_group_name_H-M   'P 21 21 21'
#
loop_
_entity.id
_entity.type
_entity.pdbx_description
1 polymer 'Replication protein A 70 kDa DNA-binding subunit'
2 polymer 'Double-strand break repair protein MRE11'
3 water water
#
loop_
_entity_poly.entity_id
_entity_poly.type
_entity_poly.pdbx_seq_one_letter_code
_entity_poly.pdbx_strand_id
1 'polypeptide(L)'
;SMVGQLSEGAIAAIMQKGDTNIKPILQVINIRPITTGNSPPRYRLLMSDGLNTLSSFMLATQLNPLVEEEQLSSNCVCQI
HRFIVNTLKDGRRVVILMELEVLKSAEAVGVKIGNPVPYNE
;
A
2 'polypeptide(L)' GTSSGSAFSADDLMSIDLAEQMANDSDDSIS B
#
# COMPACT_ATOMS: atom_id res chain seq x y z
N SER A 1 24.03 4.12 -2.48
CA SER A 1 23.15 3.25 -3.25
C SER A 1 21.73 3.79 -3.24
N MET A 2 21.00 3.59 -4.33
CA MET A 2 19.62 4.02 -4.37
C MET A 2 18.76 3.29 -3.33
N VAL A 3 19.12 2.06 -2.99
CA VAL A 3 18.39 1.35 -1.94
C VAL A 3 18.54 2.03 -0.59
N GLY A 4 19.55 2.88 -0.43
CA GLY A 4 19.67 3.66 0.80
C GLY A 4 18.51 4.60 1.03
N GLN A 5 17.69 4.85 0.00
CA GLN A 5 16.53 5.70 0.13
C GLN A 5 15.33 5.01 0.74
N LEU A 6 15.32 3.67 0.80
CA LEU A 6 14.14 2.91 1.18
C LEU A 6 14.34 2.18 2.51
N SER A 7 13.21 1.89 3.17
CA SER A 7 13.20 1.29 4.50
C SER A 7 13.28 -0.23 4.39
N GLU A 8 14.49 -0.72 4.10
CA GLU A 8 14.69 -2.15 3.89
C GLU A 8 14.26 -2.93 5.13
N GLY A 9 13.46 -3.96 4.93
CA GLY A 9 12.97 -4.78 6.02
C GLY A 9 11.65 -4.35 6.60
N ALA A 10 11.09 -3.23 6.15
CA ALA A 10 9.82 -2.77 6.69
C ALA A 10 8.69 -3.74 6.36
N ILE A 11 8.70 -4.32 5.16
CA ILE A 11 7.64 -5.26 4.78
C ILE A 11 7.66 -6.48 5.69
N ALA A 12 8.84 -7.05 5.94
CA ALA A 12 8.94 -8.16 6.87
C ALA A 12 8.49 -7.76 8.28
N ALA A 13 8.81 -6.55 8.71
CA ALA A 13 8.37 -6.12 10.03
C ALA A 13 6.84 -6.05 10.11
N ILE A 14 6.20 -5.53 9.06
CA ILE A 14 4.74 -5.46 9.04
C ILE A 14 4.14 -6.86 9.02
N MET A 15 4.68 -7.74 8.17
CA MET A 15 4.09 -9.06 7.97
C MET A 15 4.37 -10.00 9.13
N GLN A 16 5.59 -10.00 9.66
CA GLN A 16 6.01 -10.95 10.67
C GLN A 16 5.69 -10.49 12.09
N LYS A 17 5.81 -9.19 12.36
CA LYS A 17 5.58 -8.66 13.69
C LYS A 17 4.31 -7.84 13.82
N GLY A 18 3.65 -7.50 12.72
CA GLY A 18 2.48 -6.65 12.81
C GLY A 18 2.79 -5.27 13.30
N ASP A 19 4.02 -4.79 13.10
CA ASP A 19 4.42 -3.46 13.56
C ASP A 19 3.69 -2.42 12.74
N THR A 20 2.80 -1.66 13.38
CA THR A 20 2.03 -0.62 12.71
C THR A 20 2.49 0.78 13.07
N ASN A 21 3.58 0.92 13.84
CA ASN A 21 4.02 2.24 14.26
C ASN A 21 5.18 2.79 13.46
N ILE A 22 5.82 1.98 12.63
CA ILE A 22 6.86 2.49 11.74
C ILE A 22 6.25 3.40 10.68
N LYS A 23 7.08 4.26 10.10
CA LYS A 23 6.70 5.17 9.04
C LYS A 23 7.60 4.94 7.82
N PRO A 24 7.52 3.77 7.21
CA PRO A 24 8.56 3.37 6.25
C PRO A 24 8.49 4.13 4.96
N ILE A 25 9.65 4.28 4.33
CA ILE A 25 9.75 4.86 2.99
C ILE A 25 9.79 3.70 1.99
N LEU A 26 8.84 3.69 1.04
CA LEU A 26 8.65 2.59 0.11
C LEU A 26 8.60 3.16 -1.30
N GLN A 27 8.85 2.30 -2.29
CA GLN A 27 8.69 2.66 -3.69
C GLN A 27 7.46 1.96 -4.26
N VAL A 28 6.64 2.72 -4.99
CA VAL A 28 5.54 2.13 -5.73
C VAL A 28 6.12 1.44 -6.97
N ILE A 29 5.83 0.16 -7.14
CA ILE A 29 6.26 -0.55 -8.35
C ILE A 29 5.15 -0.57 -9.41
N ASN A 30 3.91 -0.84 -8.99
CA ASN A 30 2.79 -0.87 -9.92
C ASN A 30 1.52 -0.56 -9.14
N ILE A 31 0.50 -0.09 -9.86
CA ILE A 31 -0.81 0.21 -9.31
C ILE A 31 -1.85 -0.42 -10.23
N ARG A 32 -2.82 -1.11 -9.63
CA ARG A 32 -3.89 -1.73 -10.39
C ARG A 32 -5.22 -1.34 -9.74
N PRO A 33 -6.21 -0.90 -10.53
CA PRO A 33 -7.53 -0.64 -9.96
C PRO A 33 -8.30 -1.93 -9.76
N ILE A 34 -9.22 -1.89 -8.81
CA ILE A 34 -10.23 -2.92 -8.63
C ILE A 34 -11.56 -2.19 -8.62
N THR A 35 -12.43 -2.51 -9.58
CA THR A 35 -13.61 -1.72 -9.84
C THR A 35 -14.88 -2.52 -9.52
N THR A 36 -15.93 -1.78 -9.11
CA THR A 36 -17.30 -2.35 -8.90
C THR A 36 -18.30 -1.28 -9.32
N GLY A 37 -19.54 -1.68 -9.62
CA GLY A 37 -20.52 -0.73 -10.18
C GLY A 37 -20.89 0.41 -9.26
N ASN A 38 -21.16 0.16 -7.98
CA ASN A 38 -21.63 1.29 -7.16
C ASN A 38 -20.50 1.81 -6.29
N SER A 39 -19.38 1.09 -6.29
CA SER A 39 -18.29 1.49 -5.37
C SER A 39 -17.22 2.35 -6.05
N PRO A 40 -16.57 3.37 -5.39
CA PRO A 40 -15.36 3.98 -5.94
C PRO A 40 -14.33 2.90 -6.22
N PRO A 41 -13.38 3.14 -7.12
CA PRO A 41 -12.32 2.15 -7.34
C PRO A 41 -11.49 1.97 -6.08
N ARG A 42 -10.95 0.77 -5.93
CA ARG A 42 -9.99 0.45 -4.87
C ARG A 42 -8.65 0.19 -5.56
N TYR A 43 -7.64 0.97 -5.20
CA TYR A 43 -6.33 0.81 -5.84
C TYR A 43 -5.46 -0.14 -5.03
N ARG A 44 -5.02 -1.20 -5.69
CA ARG A 44 -4.06 -2.14 -5.12
C ARG A 44 -2.67 -1.75 -5.60
N LEU A 45 -1.68 -1.89 -4.73
CA LEU A 45 -0.33 -1.44 -5.04
C LEU A 45 0.66 -2.56 -4.80
N LEU A 46 1.57 -2.74 -5.76
CA LEU A 46 2.79 -3.51 -5.56
C LEU A 46 3.84 -2.53 -5.08
N MET A 47 4.30 -2.70 -3.84
CA MET A 47 5.26 -1.79 -3.20
C MET A 47 6.55 -2.52 -2.89
N SER A 48 7.63 -1.75 -2.83
CA SER A 48 8.95 -2.28 -2.52
C SER A 48 9.56 -1.51 -1.36
N ASP A 49 10.24 -2.23 -0.47
CA ASP A 49 11.06 -1.60 0.56
C ASP A 49 12.56 -1.67 0.23
N GLY A 50 12.90 -2.01 -1.01
CA GLY A 50 14.28 -2.17 -1.42
C GLY A 50 14.82 -3.56 -1.21
N LEU A 51 14.12 -4.39 -0.43
CA LEU A 51 14.50 -5.77 -0.15
C LEU A 51 13.42 -6.73 -0.60
N ASN A 52 12.17 -6.48 -0.22
CA ASN A 52 11.03 -7.27 -0.65
C ASN A 52 10.06 -6.40 -1.42
N THR A 53 9.24 -7.06 -2.24
CA THR A 53 7.99 -6.48 -2.72
C THR A 53 6.82 -7.18 -2.04
N LEU A 54 5.68 -6.50 -2.03
CA LEU A 54 4.44 -7.08 -1.52
C LEU A 54 3.32 -6.51 -2.37
N SER A 55 2.42 -7.38 -2.84
CA SER A 55 1.38 -6.97 -3.77
C SER A 55 0.05 -6.70 -3.09
N SER A 56 -0.04 -6.84 -1.78
CA SER A 56 -1.30 -6.73 -1.06
C SER A 56 -1.47 -5.40 -0.34
N PHE A 57 -0.80 -4.35 -0.80
CA PHE A 57 -1.08 -3.02 -0.30
C PHE A 57 -2.35 -2.48 -0.96
N MET A 58 -3.12 -1.72 -0.20
CA MET A 58 -4.38 -1.13 -0.65
C MET A 58 -4.39 0.33 -0.25
N LEU A 59 -4.82 1.20 -1.16
CA LEU A 59 -4.89 2.62 -0.87
C LEU A 59 -6.23 2.95 -0.23
N ALA A 60 -6.21 3.74 0.84
CA ALA A 60 -7.46 4.22 1.41
C ALA A 60 -8.20 5.05 0.38
N THR A 61 -9.53 4.91 0.36
CA THR A 61 -10.35 5.56 -0.65
C THR A 61 -10.14 7.07 -0.67
N GLN A 62 -9.93 7.69 0.49
CA GLN A 62 -9.76 9.13 0.53
C GLN A 62 -8.50 9.59 -0.19
N LEU A 63 -7.56 8.68 -0.48
CA LEU A 63 -6.34 9.03 -1.19
C LEU A 63 -6.42 8.75 -2.68
N ASN A 64 -7.56 8.26 -3.16
CA ASN A 64 -7.73 8.03 -4.59
C ASN A 64 -7.32 9.19 -5.48
N PRO A 65 -7.58 10.46 -5.13
CA PRO A 65 -7.14 11.55 -6.02
C PRO A 65 -5.66 11.55 -6.32
N LEU A 66 -4.84 11.02 -5.42
CA LEU A 66 -3.40 10.95 -5.68
C LEU A 66 -3.09 10.06 -6.87
N VAL A 67 -3.84 8.97 -7.03
CA VAL A 67 -3.65 8.11 -8.20
C VAL A 67 -4.30 8.73 -9.42
N GLU A 68 -5.51 9.27 -9.25
CA GLU A 68 -6.24 9.77 -10.41
C GLU A 68 -5.59 11.00 -11.03
N GLU A 69 -4.86 11.78 -10.23
CA GLU A 69 -4.13 12.93 -10.76
C GLU A 69 -2.64 12.64 -10.95
N GLU A 70 -2.24 11.38 -10.83
CA GLU A 70 -0.94 10.86 -11.24
C GLU A 70 0.21 11.26 -10.35
N GLN A 71 -0.05 11.81 -9.17
CA GLN A 71 1.05 12.11 -8.25
C GLN A 71 1.60 10.83 -7.64
N LEU A 72 0.74 9.88 -7.32
CA LEU A 72 1.14 8.55 -6.86
C LEU A 72 1.11 7.64 -8.08
N SER A 73 2.28 7.24 -8.55
CA SER A 73 2.37 6.45 -9.78
C SER A 73 3.61 5.57 -9.72
N SER A 74 3.68 4.62 -10.66
CA SER A 74 4.74 3.63 -10.64
C SER A 74 6.12 4.30 -10.69
N ASN A 75 6.98 3.91 -9.75
CA ASN A 75 8.36 4.37 -9.54
C ASN A 75 8.50 5.46 -8.49
N CYS A 76 7.40 6.10 -8.10
CA CYS A 76 7.52 7.15 -7.11
C CYS A 76 7.89 6.56 -5.74
N VAL A 77 8.47 7.40 -4.90
CA VAL A 77 8.88 7.03 -3.55
C VAL A 77 8.02 7.79 -2.56
N CYS A 78 7.47 7.07 -1.58
CA CYS A 78 6.52 7.63 -0.63
CA CYS A 78 6.58 7.70 -0.62
C CYS A 78 6.91 7.23 0.79
N GLN A 79 6.53 8.07 1.75
CA GLN A 79 6.66 7.73 3.16
C GLN A 79 5.27 7.43 3.68
N ILE A 80 5.10 6.24 4.26
CA ILE A 80 3.80 5.87 4.82
C ILE A 80 3.72 6.43 6.24
N HIS A 81 2.68 7.22 6.50
CA HIS A 81 2.53 7.81 7.81
CA HIS A 81 2.48 7.85 7.80
C HIS A 81 1.51 7.08 8.69
N ARG A 82 0.54 6.38 8.09
CA ARG A 82 -0.43 5.63 8.86
C ARG A 82 -0.93 4.48 7.99
N PHE A 83 -0.96 3.28 8.56
CA PHE A 83 -1.47 2.12 7.85
C PHE A 83 -2.07 1.15 8.86
N ILE A 84 -2.92 0.26 8.36
CA ILE A 84 -3.52 -0.80 9.16
C ILE A 84 -3.41 -2.09 8.36
N VAL A 85 -3.44 -3.21 9.06
CA VAL A 85 -3.37 -4.53 8.45
C VAL A 85 -4.69 -5.22 8.71
N ASN A 86 -5.34 -5.71 7.64
CA ASN A 86 -6.63 -6.37 7.76
C ASN A 86 -6.52 -7.79 7.22
N THR A 87 -7.12 -8.73 7.96
CA THR A 87 -7.09 -10.14 7.62
C THR A 87 -8.42 -10.51 6.98
N LEU A 88 -8.35 -11.11 5.79
CA LEU A 88 -9.53 -11.54 5.05
C LEU A 88 -9.99 -12.91 5.53
N LYS A 89 -11.19 -13.28 5.09
CA LYS A 89 -11.82 -14.53 5.51
C LYS A 89 -10.96 -15.75 5.17
N ASP A 90 -10.21 -15.70 4.07
CA ASP A 90 -9.42 -16.84 3.65
C ASP A 90 -8.03 -16.87 4.28
N GLY A 91 -7.68 -15.87 5.09
CA GLY A 91 -6.42 -15.84 5.78
C GLY A 91 -5.41 -14.88 5.19
N ARG A 92 -5.65 -14.39 3.98
CA ARG A 92 -4.77 -13.37 3.41
C ARG A 92 -4.85 -12.08 4.21
N ARG A 93 -3.75 -11.33 4.21
CA ARG A 93 -3.71 -10.04 4.86
C ARG A 93 -3.38 -8.95 3.86
N VAL A 94 -4.07 -7.82 4.00
CA VAL A 94 -3.84 -6.64 3.18
C VAL A 94 -3.36 -5.52 4.08
N VAL A 95 -2.55 -4.64 3.53
CA VAL A 95 -2.01 -3.50 4.25
C VAL A 95 -2.66 -2.26 3.65
N ILE A 96 -3.49 -1.59 4.43
CA ILE A 96 -4.27 -0.44 3.95
C ILE A 96 -3.52 0.83 4.30
N LEU A 97 -3.11 1.57 3.27
CA LEU A 97 -2.36 2.81 3.44
C LEU A 97 -3.35 3.95 3.67
N MET A 98 -3.36 4.51 4.89
CA MET A 98 -4.31 5.54 5.25
C MET A 98 -3.79 6.95 5.05
N GLU A 99 -2.51 7.17 5.30
CA GLU A 99 -1.90 8.49 5.15
C GLU A 99 -0.49 8.27 4.63
N LEU A 100 -0.09 9.09 3.67
CA LEU A 100 1.26 8.99 3.13
C LEU A 100 1.65 10.32 2.52
N GLU A 101 2.91 10.42 2.15
CA GLU A 101 3.46 11.59 1.50
C GLU A 101 4.32 11.11 0.35
N VAL A 102 4.12 11.67 -0.85
CA VAL A 102 4.98 11.36 -1.99
C VAL A 102 6.24 12.20 -1.84
N LEU A 103 7.37 11.53 -1.62
CA LEU A 103 8.65 12.21 -1.42
C LEU A 103 9.34 12.54 -2.74
N LYS A 104 9.24 11.67 -3.73
CA LYS A 104 9.90 11.88 -5.00
C LYS A 104 8.98 11.33 -6.10
N SER A 105 8.76 12.13 -7.15
CA SER A 105 7.86 11.72 -8.20
C SER A 105 8.45 10.56 -8.99
N ALA A 106 7.57 9.84 -9.70
CA ALA A 106 8.01 8.74 -10.54
C ALA A 106 9.08 9.21 -11.52
N GLU A 107 8.91 10.41 -12.08
CA GLU A 107 9.81 10.91 -13.09
C GLU A 107 11.15 11.37 -12.52
N ALA A 108 11.22 11.68 -11.23
CA ALA A 108 12.47 12.02 -10.59
C ALA A 108 13.26 10.80 -10.14
N VAL A 109 12.59 9.66 -9.97
CA VAL A 109 13.26 8.42 -9.59
C VAL A 109 13.71 7.63 -10.81
N GLY A 110 12.78 7.34 -11.71
CA GLY A 110 13.09 6.88 -13.04
C GLY A 110 13.03 5.39 -13.27
N VAL A 111 13.16 4.57 -12.23
CA VAL A 111 13.27 3.12 -12.40
C VAL A 111 13.00 2.46 -11.06
N LYS A 112 12.73 1.16 -11.09
CA LYS A 112 12.68 0.37 -9.86
C LYS A 112 14.04 0.38 -9.19
N ILE A 113 14.05 0.67 -7.90
CA ILE A 113 15.28 0.70 -7.11
C ILE A 113 15.66 -0.71 -6.69
N GLY A 114 16.91 -1.09 -6.96
CA GLY A 114 17.38 -2.36 -6.47
C GLY A 114 16.77 -3.55 -7.19
N ASN A 115 16.79 -4.69 -6.50
CA ASN A 115 16.32 -5.95 -7.07
C ASN A 115 15.53 -6.71 -6.00
N PRO A 116 14.43 -6.14 -5.51
CA PRO A 116 13.68 -6.78 -4.44
C PRO A 116 13.04 -8.08 -4.88
N VAL A 117 12.82 -8.97 -3.91
CA VAL A 117 12.18 -10.26 -4.16
C VAL A 117 10.79 -10.28 -3.54
N PRO A 118 9.83 -11.00 -4.12
CA PRO A 118 8.48 -11.01 -3.55
C PRO A 118 8.46 -11.64 -2.17
N TYR A 119 7.77 -10.98 -1.24
CA TYR A 119 7.62 -11.53 0.10
C TYR A 119 6.73 -12.76 0.08
N ASN A 120 5.64 -12.72 -0.67
CA ASN A 120 4.76 -13.88 -0.84
C ASN A 120 4.04 -13.81 -2.19
N GLY B 1 4.73 -14.92 -5.73
CA GLY B 1 5.86 -15.11 -6.61
C GLY B 1 5.50 -15.65 -7.98
N THR B 2 4.23 -16.01 -8.18
CA THR B 2 3.82 -16.58 -9.46
C THR B 2 2.94 -15.66 -10.30
N SER B 3 2.37 -14.60 -9.73
CA SER B 3 1.48 -13.74 -10.50
C SER B 3 1.48 -12.35 -9.89
N SER B 4 0.65 -11.47 -10.47
CA SER B 4 0.52 -10.10 -9.99
C SER B 4 -0.16 -10.02 -8.63
N GLY B 5 -0.68 -11.13 -8.12
CA GLY B 5 -1.33 -11.15 -6.82
C GLY B 5 -2.72 -11.73 -6.90
N SER B 6 -3.09 -12.54 -5.91
CA SER B 6 -4.43 -13.10 -5.87
C SER B 6 -5.46 -12.00 -5.84
N ALA B 7 -6.57 -12.21 -6.51
CA ALA B 7 -7.56 -11.17 -6.69
C ALA B 7 -8.49 -11.07 -5.48
N PHE B 8 -9.22 -9.97 -5.42
CA PHE B 8 -10.11 -9.68 -4.31
C PHE B 8 -11.53 -9.59 -4.83
N SER B 9 -12.39 -10.45 -4.30
CA SER B 9 -13.78 -10.50 -4.73
C SER B 9 -14.59 -9.46 -3.97
N ALA B 10 -15.88 -9.36 -4.30
CA ALA B 10 -16.74 -8.36 -3.67
C ALA B 10 -16.74 -8.51 -2.15
N ASP B 11 -16.76 -9.75 -1.66
CA ASP B 11 -16.76 -9.95 -0.21
C ASP B 11 -15.47 -9.43 0.42
N ASP B 12 -14.32 -9.69 -0.22
CA ASP B 12 -13.06 -9.17 0.29
C ASP B 12 -13.07 -7.66 0.31
N LEU B 13 -13.61 -7.05 -0.75
CA LEU B 13 -13.62 -5.59 -0.85
C LEU B 13 -14.51 -4.96 0.20
N MET B 14 -15.63 -5.63 0.54
CA MET B 14 -16.48 -5.13 1.61
C MET B 14 -15.74 -5.15 2.94
N SER B 15 -14.92 -6.17 3.18
CA SER B 15 -14.12 -6.24 4.41
C SER B 15 -13.09 -5.12 4.46
N ILE B 16 -12.45 -4.82 3.33
CA ILE B 16 -11.49 -3.74 3.27
C ILE B 16 -12.18 -2.40 3.51
N ASP B 17 -13.36 -2.20 2.89
CA ASP B 17 -14.16 -1.01 3.15
C ASP B 17 -14.42 -0.84 4.64
N LEU B 18 -14.82 -1.92 5.30
CA LEU B 18 -15.14 -1.83 6.72
C LEU B 18 -13.91 -1.49 7.54
N ALA B 19 -12.77 -2.10 7.22
CA ALA B 19 -11.54 -1.83 7.98
C ALA B 19 -11.17 -0.36 7.90
N GLU B 20 -11.22 0.24 6.71
CA GLU B 20 -10.86 1.65 6.60
C GLU B 20 -11.91 2.54 7.28
N GLN B 21 -13.19 2.17 7.20
CA GLN B 21 -14.22 2.97 7.86
C GLN B 21 -14.11 2.89 9.37
N MET B 22 -13.71 1.74 9.91
CA MET B 22 -13.50 1.64 11.35
C MET B 22 -12.38 2.56 11.81
N ALA B 23 -11.32 2.67 11.00
CA ALA B 23 -10.25 3.62 11.32
C ALA B 23 -10.76 5.05 11.26
N ASN B 24 -11.58 5.38 10.26
CA ASN B 24 -12.15 6.72 10.15
C ASN B 24 -13.04 7.04 11.34
N ASP B 25 -13.88 6.08 11.76
CA ASP B 25 -14.77 6.31 12.89
C ASP B 25 -14.00 6.54 14.18
N SER B 26 -12.92 5.78 14.40
CA SER B 26 -12.13 5.97 15.60
C SER B 26 -11.50 7.36 15.63
N ASP B 27 -11.20 7.93 14.46
CA ASP B 27 -10.67 9.30 14.40
C ASP B 27 -11.67 10.30 14.94
N ASP B 28 -12.97 10.00 14.89
CA ASP B 28 -13.97 10.92 15.40
C ASP B 28 -13.94 11.05 16.91
N SER B 29 -13.19 10.20 17.62
CA SER B 29 -13.01 10.34 19.06
C SER B 29 -11.89 11.30 19.41
N ILE B 30 -11.15 11.79 18.42
CA ILE B 30 -9.98 12.64 18.64
C ILE B 30 -9.93 13.83 17.69
N SER B 31 -10.89 13.95 16.79
CA SER B 31 -10.92 15.06 15.84
C SER B 31 -12.37 15.40 15.50
#